data_3QLW
#
_entry.id   3QLW
#
_cell.length_a   118.429
_cell.length_b   118.646
_cell.length_c   39.346
_cell.angle_alpha   90.00
_cell.angle_beta   90.00
_cell.angle_gamma   90.00
#
_symmetry.space_group_name_H-M   'P 21 21 2'
#
loop_
_entity.id
_entity.type
_entity.pdbx_description
1 polymer 'Putative uncharacterized protein CaJ7.0360'
2 non-polymer 'NADPH DIHYDRO-NICOTINAMIDE-ADENINE-DINUCLEOTIDE PHOSPHATE'
3 non-polymer 5-[3-(2,5-dimethoxyphenyl)prop-1-yn-1-yl]-6-ethylpyrimidine-2,4-diamine
4 water water
#
_entity_poly.entity_id   1
_entity_poly.type   'polypeptide(L)'
_entity_poly.pdbx_seq_one_letter_code
;MLKPNVAIIVAALKPALGIGYKGKMPWRLRKEIRYFKDVTTRTTKPNTRNAVIMGRKTWESIPQKFRPLPDRLNIILSRS
YENEIIDDNIIHASSIESSLNLVSDVERVFIIGGAEIYNELINNSLVSHLLITEIEHPSPESIEMDTFLKFPLESWTKQP
KSELQKFVGDTVLEDDIKEGDFTYNYTLWTRK
;
_entity_poly.pdbx_strand_id   A,B
#
# COMPACT_ATOMS: atom_id res chain seq x y z
N LYS A 3 -1.12 25.60 -1.01
CA LYS A 3 -1.19 25.26 0.44
C LYS A 3 -1.32 23.74 0.61
N PRO A 4 -0.77 23.19 1.70
CA PRO A 4 -1.02 21.77 1.98
C PRO A 4 -2.15 21.57 2.99
N ASN A 5 -3.02 20.60 2.73
CA ASN A 5 -4.08 20.25 3.65
C ASN A 5 -3.52 19.59 4.91
N VAL A 6 -3.56 20.32 6.02
CA VAL A 6 -3.05 19.82 7.30
C VAL A 6 -4.20 19.48 8.24
N ALA A 7 -4.20 18.24 8.73
CA ALA A 7 -5.21 17.79 9.69
C ALA A 7 -4.56 17.17 10.94
N ILE A 8 -5.27 17.24 12.06
CA ILE A 8 -4.88 16.54 13.28
C ILE A 8 -5.70 15.26 13.38
N ILE A 9 -5.01 14.15 13.60
CA ILE A 9 -5.66 12.86 13.85
C ILE A 9 -5.25 12.35 15.23
N VAL A 10 -6.24 11.97 16.04
CA VAL A 10 -6.03 11.54 17.43
C VAL A 10 -7.21 10.71 17.94
N ALA A 11 -6.93 9.81 18.88
CA ALA A 11 -7.95 9.08 19.61
C ALA A 11 -7.90 9.43 21.10
N ALA A 12 -9.02 9.88 21.63
CA ALA A 12 -9.08 10.41 22.99
C ALA A 12 -10.32 9.92 23.75
N LEU A 13 -10.18 9.80 25.06
CA LEU A 13 -11.28 9.36 25.92
C LEU A 13 -12.10 10.55 26.44
N LYS A 14 -13.39 10.53 26.14
CA LYS A 14 -14.33 11.54 26.64
C LYS A 14 -14.58 11.34 28.14
N PRO A 15 -14.89 12.43 28.87
CA PRO A 15 -15.01 13.80 28.37
C PRO A 15 -13.75 14.66 28.58
N ALA A 16 -12.73 14.09 29.20
CA ALA A 16 -11.50 14.82 29.53
C ALA A 16 -10.52 14.90 28.37
N LEU A 17 -10.73 14.04 27.37
CA LEU A 17 -9.87 13.94 26.18
C LEU A 17 -8.44 13.48 26.53
N GLY A 18 -8.36 12.54 27.46
CA GLY A 18 -7.08 11.93 27.84
C GLY A 18 -6.57 11.04 26.72
N ILE A 19 -5.26 11.03 26.54
CA ILE A 19 -4.64 10.36 25.40
C ILE A 19 -3.49 9.42 25.78
N GLY A 20 -2.97 9.56 26.99
CA GLY A 20 -1.87 8.72 27.44
C GLY A 20 -1.63 8.68 28.93
N TYR A 21 -0.87 7.67 29.35
CA TYR A 21 -0.42 7.55 30.74
C TYR A 21 1.02 7.07 30.76
N LYS A 22 1.88 7.85 31.43
CA LYS A 22 3.32 7.56 31.56
C LYS A 22 3.98 7.19 30.22
N GLY A 23 3.76 8.04 29.21
CA GLY A 23 4.35 7.83 27.89
C GLY A 23 3.71 6.73 27.06
N LYS A 24 2.69 6.08 27.61
CA LYS A 24 2.03 4.96 26.93
C LYS A 24 0.62 5.30 26.48
N MET A 25 0.10 4.49 25.56
CA MET A 25 -1.28 4.56 25.15
C MET A 25 -2.12 3.67 26.07
N PRO A 26 -3.23 4.21 26.61
CA PRO A 26 -4.03 3.50 27.60
C PRO A 26 -4.95 2.43 27.02
N TRP A 27 -4.88 2.22 25.71
CA TRP A 27 -5.76 1.29 25.00
C TRP A 27 -5.10 0.69 23.76
N ARG A 28 -5.59 -0.47 23.35
CA ARG A 28 -5.20 -1.08 22.08
C ARG A 28 -6.45 -1.41 21.28
N LEU A 29 -6.82 -0.50 20.38
CA LEU A 29 -8.04 -0.64 19.59
C LEU A 29 -7.70 -1.04 18.17
N ARG A 30 -8.06 -2.28 17.82
CA ARG A 30 -7.61 -2.94 16.59
C ARG A 30 -8.15 -2.32 15.30
N LYS A 31 -9.40 -1.88 15.31
CA LYS A 31 -10.00 -1.19 14.16
C LYS A 31 -9.51 0.24 14.03
N GLU A 32 -9.26 0.88 15.18
CA GLU A 32 -8.80 2.26 15.24
C GLU A 32 -7.41 2.40 14.62
N ILE A 33 -6.50 1.51 15.02
CA ILE A 33 -5.16 1.42 14.45
C ILE A 33 -5.22 1.29 12.92
N ARG A 34 -6.15 0.46 12.46
CA ARG A 34 -6.35 0.18 11.04
C ARG A 34 -6.96 1.37 10.30
N TYR A 35 -7.91 2.05 10.95
CA TYR A 35 -8.48 3.29 10.46
C TYR A 35 -7.37 4.33 10.29
N PHE A 36 -6.57 4.50 11.33
CA PHE A 36 -5.43 5.42 11.33
C PHE A 36 -4.51 5.19 10.14
N LYS A 37 -4.17 3.93 9.89
CA LYS A 37 -3.30 3.53 8.79
C LYS A 37 -3.89 3.89 7.43
N ASP A 38 -5.13 3.47 7.18
CA ASP A 38 -5.79 3.72 5.90
C ASP A 38 -5.95 5.21 5.58
N VAL A 39 -6.35 5.99 6.57
CA VAL A 39 -6.60 7.42 6.37
C VAL A 39 -5.31 8.22 6.16
N THR A 40 -4.28 7.93 6.96
CA THR A 40 -2.98 8.61 6.80
C THR A 40 -2.22 8.18 5.54
N THR A 41 -2.53 6.99 5.03
CA THR A 41 -1.85 6.45 3.84
C THR A 41 -2.54 6.85 2.52
N ARG A 42 -3.86 6.87 2.52
CA ARG A 42 -4.65 7.06 1.30
C ARG A 42 -4.35 8.37 0.58
N THR A 43 -4.12 8.27 -0.73
CA THR A 43 -3.97 9.43 -1.60
C THR A 43 -5.00 9.31 -2.73
N THR A 44 -5.31 10.43 -3.38
CA THR A 44 -6.16 10.39 -4.56
C THR A 44 -5.32 10.53 -5.83
N LYS A 45 -4.52 11.61 -5.88
CA LYS A 45 -3.67 11.90 -7.03
C LYS A 45 -2.50 10.94 -7.13
N PRO A 46 -2.10 10.59 -8.37
CA PRO A 46 -0.87 9.81 -8.54
C PRO A 46 0.35 10.70 -8.30
N ASN A 47 1.51 10.06 -8.12
CA ASN A 47 2.78 10.76 -7.89
C ASN A 47 2.85 11.51 -6.55
N THR A 48 1.90 11.24 -5.65
CA THR A 48 1.86 11.88 -4.33
C THR A 48 1.95 10.90 -3.17
N ARG A 49 2.39 11.40 -2.02
CA ARG A 49 2.34 10.70 -0.75
C ARG A 49 1.69 11.59 0.29
N ASN A 50 1.33 11.00 1.42
CA ASN A 50 0.93 11.79 2.58
C ASN A 50 2.10 11.92 3.56
N ALA A 51 2.06 12.97 4.36
CA ALA A 51 3.05 13.18 5.41
C ALA A 51 2.46 12.89 6.79
N VAL A 52 3.27 12.31 7.67
CA VAL A 52 2.92 12.21 9.09
C VAL A 52 3.90 13.03 9.92
N ILE A 53 3.38 14.01 10.65
CA ILE A 53 4.20 14.87 11.51
C ILE A 53 4.01 14.47 12.97
N MET A 54 5.13 14.37 13.70
CA MET A 54 5.10 13.93 15.08
C MET A 54 6.22 14.54 15.93
N GLY A 55 6.07 14.43 17.25
CA GLY A 55 7.13 14.81 18.18
C GLY A 55 8.18 13.71 18.24
N ARG A 56 9.38 14.09 18.69
CA ARG A 56 10.47 13.13 18.85
C ARG A 56 10.10 11.97 19.76
N LYS A 57 9.38 12.27 20.84
CA LYS A 57 8.97 11.25 21.82
C LYS A 57 8.02 10.20 21.25
N THR A 58 7.06 10.64 20.44
CA THR A 58 6.13 9.72 19.76
C THR A 58 6.88 8.82 18.78
N TRP A 59 7.81 9.41 18.03
CA TRP A 59 8.72 8.67 17.15
C TRP A 59 9.47 7.57 17.90
N GLU A 60 10.06 7.93 19.05
CA GLU A 60 10.80 6.98 19.88
C GLU A 60 9.92 5.84 20.42
N SER A 61 8.62 6.10 20.52
CA SER A 61 7.69 5.12 21.06
C SER A 61 7.09 4.17 20.01
N ILE A 62 7.25 4.53 18.72
CA ILE A 62 6.79 3.68 17.63
C ILE A 62 7.64 2.40 17.58
N PRO A 63 6.98 1.23 17.64
CA PRO A 63 7.67 -0.06 17.58
C PRO A 63 8.70 -0.11 16.45
N GLN A 64 9.85 -0.71 16.73
CA GLN A 64 10.99 -0.77 15.81
C GLN A 64 10.62 -1.10 14.36
N LYS A 65 9.81 -2.14 14.17
CA LYS A 65 9.45 -2.61 12.82
C LYS A 65 8.48 -1.70 12.06
N PHE A 66 7.76 -0.85 12.78
CA PHE A 66 6.82 0.09 12.16
C PHE A 66 7.46 1.47 11.96
N ARG A 67 8.78 1.49 11.87
CA ARG A 67 9.54 2.72 11.94
C ARG A 67 10.60 2.81 10.84
N PRO A 68 10.46 3.77 9.91
CA PRO A 68 9.39 4.77 9.84
C PRO A 68 8.06 4.14 9.38
N LEU A 69 6.96 4.82 9.65
CA LEU A 69 5.64 4.35 9.23
C LEU A 69 5.58 4.27 7.70
N PRO A 70 5.36 3.05 7.17
CA PRO A 70 5.44 2.77 5.73
C PRO A 70 4.45 3.57 4.91
N ASP A 71 4.83 3.83 3.65
CA ASP A 71 3.96 4.45 2.62
C ASP A 71 3.65 5.92 2.87
N ARG A 72 4.26 6.48 3.92
CA ARG A 72 4.09 7.88 4.28
C ARG A 72 5.45 8.53 4.55
N LEU A 73 5.53 9.84 4.29
CA LEU A 73 6.70 10.60 4.67
C LEU A 73 6.60 10.92 6.16
N ASN A 74 7.67 10.62 6.88
CA ASN A 74 7.71 10.84 8.33
C ASN A 74 8.49 12.11 8.67
N ILE A 75 7.82 13.04 9.34
CA ILE A 75 8.46 14.25 9.83
C ILE A 75 8.54 14.21 11.35
N ILE A 76 9.76 14.33 11.87
CA ILE A 76 9.98 14.28 13.31
C ILE A 76 10.37 15.66 13.82
N LEU A 77 9.71 16.09 14.89
CA LEU A 77 9.91 17.43 15.42
C LEU A 77 10.72 17.43 16.70
N SER A 78 11.75 18.27 16.72
CA SER A 78 12.56 18.53 17.89
C SER A 78 13.07 19.96 17.79
N ARG A 79 13.33 20.56 18.95
CA ARG A 79 13.85 21.93 18.97
C ARG A 79 15.34 21.98 18.68
N SER A 80 15.97 20.79 18.67
CA SER A 80 17.38 20.65 18.35
C SER A 80 17.62 20.48 16.85
N TYR A 81 16.58 20.09 16.10
CA TYR A 81 16.74 19.68 14.72
C TYR A 81 17.03 20.81 13.74
N GLU A 82 18.00 20.55 12.86
CA GLU A 82 18.17 21.35 11.67
C GLU A 82 17.09 20.88 10.69
N ASN A 83 16.79 21.68 9.68
CA ASN A 83 15.77 21.32 8.72
C ASN A 83 16.37 20.59 7.51
N GLU A 84 16.61 19.30 7.66
CA GLU A 84 17.18 18.49 6.59
C GLU A 84 16.48 17.15 6.36
N ILE A 85 16.65 16.63 5.15
CA ILE A 85 16.14 15.31 4.77
C ILE A 85 17.16 14.26 5.22
N ILE A 86 16.72 13.32 6.06
CA ILE A 86 17.60 12.24 6.54
C ILE A 86 17.72 11.16 5.47
N ASP A 87 16.58 10.64 5.01
CA ASP A 87 16.51 9.75 3.86
C ASP A 87 15.20 9.97 3.12
N ASP A 88 14.88 9.09 2.17
CA ASP A 88 13.66 9.19 1.35
C ASP A 88 12.36 9.29 2.16
N ASN A 89 12.36 8.69 3.35
CA ASN A 89 11.16 8.58 4.16
C ASN A 89 11.16 9.43 5.44
N ILE A 90 12.31 10.04 5.75
CA ILE A 90 12.49 10.70 7.05
C ILE A 90 13.02 12.14 6.96
N ILE A 91 12.26 13.06 7.57
CA ILE A 91 12.66 14.44 7.69
C ILE A 91 12.74 14.84 9.17
N HIS A 92 13.81 15.56 9.51
CA HIS A 92 13.97 16.20 10.82
C HIS A 92 13.69 17.69 10.65
N ALA A 93 12.90 18.26 11.56
CA ALA A 93 12.52 19.68 11.45
C ALA A 93 12.37 20.39 12.79
N SER A 94 12.48 21.72 12.76
CA SER A 94 12.32 22.59 13.92
C SER A 94 10.86 22.99 14.12
N SER A 95 10.10 22.98 13.03
CA SER A 95 8.70 23.41 13.04
C SER A 95 7.95 22.81 11.86
N ILE A 96 6.62 22.87 11.92
CA ILE A 96 5.79 22.48 10.79
C ILE A 96 6.05 23.35 9.55
N GLU A 97 6.13 24.66 9.77
CA GLU A 97 6.37 25.63 8.68
C GLU A 97 7.67 25.33 7.94
N SER A 98 8.72 25.01 8.70
CA SER A 98 10.02 24.67 8.14
C SER A 98 9.97 23.34 7.39
N SER A 99 9.23 22.37 7.93
CA SER A 99 9.13 21.04 7.34
C SER A 99 8.36 21.03 6.02
N LEU A 100 7.36 21.89 5.91
CA LEU A 100 6.51 21.97 4.71
C LEU A 100 7.29 22.47 3.49
N ASN A 101 8.23 23.38 3.73
CA ASN A 101 9.08 23.93 2.68
C ASN A 101 10.26 23.03 2.28
N LEU A 102 10.21 21.76 2.69
CA LEU A 102 11.33 20.85 2.50
C LEU A 102 11.14 19.85 1.36
N VAL A 103 9.89 19.47 1.10
CA VAL A 103 9.54 18.69 -0.10
C VAL A 103 8.21 19.19 -0.71
N SER A 104 7.88 18.68 -1.91
CA SER A 104 6.68 19.11 -2.63
C SER A 104 5.87 17.97 -3.25
N ASP A 105 6.12 16.74 -2.79
CA ASP A 105 5.40 15.57 -3.28
C ASP A 105 4.21 15.19 -2.38
N VAL A 106 3.87 16.08 -1.45
CA VAL A 106 2.90 15.76 -0.40
C VAL A 106 1.49 16.28 -0.68
N GLU A 107 0.51 15.39 -0.58
CA GLU A 107 -0.90 15.72 -0.74
C GLU A 107 -1.49 16.21 0.58
N ARG A 108 -1.55 15.33 1.57
CA ARG A 108 -2.11 15.64 2.89
C ARG A 108 -1.08 15.48 4.01
N VAL A 109 -1.17 16.36 5.00
CA VAL A 109 -0.27 16.34 6.15
C VAL A 109 -1.06 15.99 7.41
N PHE A 110 -0.62 14.95 8.11
CA PHE A 110 -1.29 14.49 9.32
C PHE A 110 -0.43 14.65 10.57
N ILE A 111 -0.93 15.42 11.53
CA ILE A 111 -0.29 15.54 12.83
C ILE A 111 -0.76 14.36 13.68
N ILE A 112 0.18 13.53 14.12
CA ILE A 112 -0.16 12.26 14.75
C ILE A 112 0.26 12.17 16.24
N GLY A 113 0.78 13.26 16.79
CA GLY A 113 1.12 13.31 18.21
C GLY A 113 2.54 13.76 18.52
N GLY A 114 2.90 13.79 19.81
CA GLY A 114 1.97 13.51 20.90
C GLY A 114 1.36 14.76 21.50
N ALA A 115 1.26 14.76 22.83
CA ALA A 115 0.56 15.79 23.59
C ALA A 115 1.06 17.21 23.36
N GLU A 116 2.37 17.42 23.47
CA GLU A 116 2.95 18.76 23.30
C GLU A 116 2.77 19.26 21.86
N ILE A 117 2.87 18.35 20.90
CA ILE A 117 2.65 18.65 19.50
C ILE A 117 1.19 19.05 19.24
N TYR A 118 0.26 18.23 19.73
CA TYR A 118 -1.18 18.49 19.58
C TYR A 118 -1.58 19.83 20.18
N ASN A 119 -1.27 20.00 21.46
CA ASN A 119 -1.68 21.17 22.24
C ASN A 119 -1.08 22.50 21.76
N GLU A 120 -0.05 22.42 20.94
CA GLU A 120 0.52 23.60 20.30
C GLU A 120 -0.04 23.85 18.90
N LEU A 121 -0.15 22.79 18.10
CA LEU A 121 -0.57 22.94 16.70
C LEU A 121 -2.08 23.03 16.50
N ILE A 122 -2.84 22.78 17.57
CA ILE A 122 -4.29 22.98 17.56
C ILE A 122 -4.66 24.45 17.28
N ASN A 123 -3.83 25.37 17.75
CA ASN A 123 -4.06 26.80 17.56
C ASN A 123 -3.20 27.42 16.45
N ASN A 124 -2.68 26.56 15.57
CA ASN A 124 -1.95 27.01 14.39
C ASN A 124 -2.86 27.02 13.17
N SER A 125 -2.85 28.13 12.42
CA SER A 125 -3.78 28.34 11.30
C SER A 125 -3.68 27.34 10.15
N LEU A 126 -2.53 26.68 10.02
CA LEU A 126 -2.32 25.68 8.97
C LEU A 126 -3.24 24.47 9.11
N VAL A 127 -3.53 24.11 10.35
CA VAL A 127 -4.43 23.00 10.68
C VAL A 127 -5.88 23.43 10.47
N SER A 128 -6.54 22.80 9.50
CA SER A 128 -7.93 23.15 9.16
C SER A 128 -8.94 22.05 9.52
N HIS A 129 -8.44 20.85 9.78
CA HIS A 129 -9.30 19.71 10.12
C HIS A 129 -8.82 18.97 11.37
N LEU A 130 -9.77 18.47 12.15
CA LEU A 130 -9.46 17.56 13.25
C LEU A 130 -10.19 16.24 13.03
N LEU A 131 -9.42 15.16 13.04
CA LEU A 131 -9.99 13.81 12.96
C LEU A 131 -9.89 13.17 14.34
N ILE A 132 -10.91 13.42 15.16
CA ILE A 132 -10.91 12.92 16.53
C ILE A 132 -11.73 11.65 16.67
N THR A 133 -11.07 10.57 17.07
CA THR A 133 -11.76 9.35 17.45
C THR A 133 -12.21 9.51 18.90
N GLU A 134 -13.52 9.67 19.08
CA GLU A 134 -14.10 9.88 20.40
C GLU A 134 -14.36 8.54 21.06
N ILE A 135 -13.59 8.25 22.10
CA ILE A 135 -13.68 6.99 22.83
C ILE A 135 -14.49 7.19 24.11
N GLU A 136 -15.38 6.23 24.38
CA GLU A 136 -16.19 6.24 25.60
C GLU A 136 -15.98 4.98 26.43
N HIS A 137 -16.22 5.12 27.73
CA HIS A 137 -16.05 4.04 28.70
C HIS A 137 -17.08 4.27 29.81
N PRO A 138 -17.76 3.19 30.27
CA PRO A 138 -18.79 3.31 31.31
C PRO A 138 -18.30 4.00 32.58
N SER A 139 -17.02 3.81 32.89
CA SER A 139 -16.39 4.47 34.03
C SER A 139 -15.01 5.03 33.63
N PRO A 140 -15.01 6.25 33.05
CA PRO A 140 -13.79 6.85 32.47
C PRO A 140 -12.67 7.09 33.47
N GLU A 141 -13.02 7.49 34.69
CA GLU A 141 -12.02 7.87 35.71
C GLU A 141 -11.22 6.68 36.27
N SER A 142 -11.71 5.47 36.04
CA SER A 142 -11.03 4.25 36.50
C SER A 142 -9.75 3.95 35.72
N ILE A 143 -9.63 4.58 34.55
CA ILE A 143 -8.47 4.40 33.69
C ILE A 143 -7.44 5.48 34.01
N GLU A 144 -6.22 5.06 34.32
CA GLU A 144 -5.17 5.98 34.75
C GLU A 144 -4.66 6.82 33.59
N MET A 145 -4.65 8.14 33.82
CA MET A 145 -4.43 9.12 32.76
C MET A 145 -3.72 10.34 33.32
N ASP A 146 -2.59 10.71 32.72
CA ASP A 146 -1.84 11.89 33.14
C ASP A 146 -1.58 12.86 31.98
N THR A 147 -2.02 12.48 30.78
CA THR A 147 -1.76 13.25 29.56
C THR A 147 -3.07 13.56 28.84
N PHE A 148 -3.33 14.84 28.63
CA PHE A 148 -4.63 15.30 28.12
C PHE A 148 -4.51 16.28 26.96
N LEU A 149 -5.57 16.32 26.14
CA LEU A 149 -5.68 17.33 25.09
C LEU A 149 -6.22 18.64 25.66
N LYS A 150 -5.70 19.75 25.15
CA LYS A 150 -6.21 21.08 25.49
C LYS A 150 -6.71 21.73 24.21
N PHE A 151 -7.90 21.32 23.78
CA PHE A 151 -8.52 21.78 22.55
C PHE A 151 -9.67 22.73 22.86
N PRO A 152 -9.67 23.92 22.23
CA PRO A 152 -10.86 24.75 22.34
C PRO A 152 -11.90 24.31 21.29
N LEU A 153 -12.58 23.20 21.57
CA LEU A 153 -13.53 22.61 20.64
C LEU A 153 -14.78 23.46 20.40
N GLU A 154 -15.03 24.42 21.29
CA GLU A 154 -16.10 25.40 21.13
C GLU A 154 -15.84 26.31 19.91
N SER A 155 -14.58 26.41 19.51
CA SER A 155 -14.16 27.19 18.34
C SER A 155 -14.12 26.35 17.05
N TRP A 156 -14.57 25.10 17.15
CA TRP A 156 -14.60 24.19 16.03
C TRP A 156 -16.02 23.64 15.83
N THR A 157 -16.27 23.09 14.65
CA THR A 157 -17.59 22.52 14.34
C THR A 157 -17.47 21.03 14.02
N LYS A 158 -18.22 20.21 14.74
CA LYS A 158 -18.32 18.79 14.42
C LYS A 158 -19.13 18.65 13.14
N GLN A 159 -18.47 18.17 12.09
CA GLN A 159 -19.08 18.03 10.77
C GLN A 159 -19.98 16.80 10.71
N PRO A 160 -20.87 16.73 9.69
CA PRO A 160 -21.70 15.54 9.53
C PRO A 160 -20.85 14.35 9.08
N LYS A 161 -21.34 13.15 9.31
CA LYS A 161 -20.67 11.92 8.87
C LYS A 161 -20.37 11.92 7.37
N SER A 162 -21.27 12.51 6.58
CA SER A 162 -21.10 12.59 5.13
C SER A 162 -19.83 13.34 4.71
N GLU A 163 -19.46 14.37 5.47
CA GLU A 163 -18.24 15.13 5.20
C GLU A 163 -16.97 14.36 5.57
N LEU A 164 -17.06 13.54 6.62
CA LEU A 164 -15.97 12.66 7.02
C LEU A 164 -15.75 11.55 6.00
N GLN A 165 -16.86 10.96 5.53
CA GLN A 165 -16.82 9.94 4.49
C GLN A 165 -16.16 10.46 3.20
N LYS A 166 -16.53 11.67 2.81
CA LYS A 166 -15.86 12.38 1.71
C LYS A 166 -14.36 12.46 1.96
N PHE A 167 -13.98 12.81 3.19
CA PHE A 167 -12.60 13.06 3.56
C PHE A 167 -11.74 11.79 3.51
N VAL A 168 -12.31 10.68 3.98
CA VAL A 168 -11.59 9.41 4.09
C VAL A 168 -11.82 8.48 2.90
N GLY A 169 -12.57 8.95 1.91
CA GLY A 169 -12.84 8.19 0.69
C GLY A 169 -13.70 6.97 0.92
N ASP A 170 -13.22 5.82 0.44
CA ASP A 170 -13.99 4.57 0.51
C ASP A 170 -13.98 3.90 1.88
N THR A 171 -13.06 4.33 2.75
CA THR A 171 -12.90 3.77 4.10
C THR A 171 -14.23 3.51 4.79
N VAL A 172 -14.37 2.30 5.34
CA VAL A 172 -15.57 1.89 6.08
C VAL A 172 -15.64 2.61 7.42
N LEU A 173 -16.72 3.35 7.63
CA LEU A 173 -16.94 4.08 8.87
C LEU A 173 -18.09 3.48 9.68
N GLU A 174 -17.76 2.59 10.60
CA GLU A 174 -18.74 1.95 11.46
C GLU A 174 -19.07 2.85 12.65
N ASP A 175 -20.33 2.80 13.07
CA ASP A 175 -20.78 3.53 14.25
C ASP A 175 -20.59 2.70 15.51
N ASP A 176 -20.35 3.38 16.62
CA ASP A 176 -20.27 2.77 17.96
C ASP A 176 -19.52 1.44 17.97
N ILE A 177 -18.20 1.51 17.76
CA ILE A 177 -17.36 0.33 17.72
C ILE A 177 -17.05 -0.15 19.14
N LYS A 178 -17.51 -1.35 19.47
CA LYS A 178 -17.33 -1.94 20.80
C LYS A 178 -16.12 -2.85 20.86
N GLU A 179 -15.07 -2.41 21.55
CA GLU A 179 -13.89 -3.24 21.79
C GLU A 179 -13.63 -3.35 23.29
N GLY A 180 -14.08 -4.45 23.87
CA GLY A 180 -14.05 -4.63 25.32
C GLY A 180 -15.04 -3.68 25.96
N ASP A 181 -14.57 -2.91 26.94
CA ASP A 181 -15.39 -1.91 27.61
C ASP A 181 -15.39 -0.57 26.88
N PHE A 182 -14.57 -0.43 25.83
CA PHE A 182 -14.50 0.80 25.06
C PHE A 182 -15.48 0.83 23.91
N THR A 183 -16.07 2.00 23.68
CA THR A 183 -16.92 2.28 22.54
C THR A 183 -16.43 3.57 21.89
N TYR A 184 -16.40 3.63 20.56
CA TYR A 184 -15.87 4.81 19.89
C TYR A 184 -16.46 5.11 18.52
N ASN A 185 -16.27 6.37 18.11
CA ASN A 185 -16.76 6.88 16.84
C ASN A 185 -15.73 7.82 16.24
N TYR A 186 -15.62 7.77 14.91
CA TYR A 186 -14.72 8.64 14.17
C TYR A 186 -15.46 9.93 13.86
N THR A 187 -14.79 11.07 14.06
CA THR A 187 -15.42 12.39 13.85
C THR A 187 -14.53 13.35 13.07
N LEU A 188 -15.16 14.35 12.45
CA LEU A 188 -14.44 15.38 11.71
C LEU A 188 -14.82 16.76 12.23
N TRP A 189 -13.81 17.62 12.38
CA TRP A 189 -14.01 18.97 12.89
C TRP A 189 -13.33 19.99 11.98
N THR A 190 -14.02 21.10 11.73
CA THR A 190 -13.45 22.23 10.99
C THR A 190 -13.53 23.50 11.84
N ARG A 191 -12.71 24.50 11.50
CA ARG A 191 -12.68 25.77 12.24
C ARG A 191 -13.97 26.57 12.03
N LYS A 192 -14.37 27.33 13.05
CA LYS A 192 -15.55 28.18 12.95
C LYS A 192 -15.28 29.46 12.15
N LYS B 3 21.61 -17.41 -19.37
CA LYS B 3 20.93 -16.27 -18.71
C LYS B 3 19.50 -16.63 -18.26
N PRO B 4 18.99 -15.94 -17.22
CA PRO B 4 17.61 -16.16 -16.78
C PRO B 4 16.57 -15.80 -17.84
N ASN B 5 15.52 -16.61 -17.91
CA ASN B 5 14.42 -16.42 -18.84
C ASN B 5 13.41 -15.45 -18.23
N VAL B 6 13.24 -14.28 -18.84
CA VAL B 6 12.40 -13.23 -18.27
C VAL B 6 11.05 -13.07 -18.97
N ALA B 7 9.97 -13.25 -18.22
CA ALA B 7 8.61 -13.13 -18.75
C ALA B 7 7.68 -12.28 -17.89
N ILE B 8 6.71 -11.64 -18.54
CA ILE B 8 5.59 -10.99 -17.85
C ILE B 8 4.43 -11.97 -17.78
N ILE B 9 3.93 -12.20 -16.58
CA ILE B 9 2.72 -13.02 -16.38
C ILE B 9 1.58 -12.15 -15.84
N VAL B 10 0.44 -12.20 -16.52
CA VAL B 10 -0.69 -11.31 -16.22
C VAL B 10 -2.03 -11.94 -16.66
N ALA B 11 -3.11 -11.48 -16.05
CA ALA B 11 -4.46 -11.80 -16.50
C ALA B 11 -5.20 -10.49 -16.74
N ALA B 12 -5.79 -10.36 -17.94
CA ALA B 12 -6.40 -9.10 -18.36
C ALA B 12 -7.69 -9.32 -19.13
N LEU B 13 -8.61 -8.37 -19.00
CA LEU B 13 -9.89 -8.42 -19.70
C LEU B 13 -9.81 -7.78 -21.08
N LYS B 14 -10.12 -8.58 -22.10
CA LYS B 14 -10.16 -8.09 -23.48
C LYS B 14 -11.39 -7.22 -23.73
N PRO B 15 -11.30 -6.25 -24.67
CA PRO B 15 -10.12 -5.89 -25.46
C PRO B 15 -9.25 -4.78 -24.87
N ALA B 16 -9.76 -4.09 -23.85
CA ALA B 16 -9.06 -2.94 -23.26
C ALA B 16 -7.86 -3.32 -22.40
N LEU B 17 -7.71 -4.62 -22.15
CA LEU B 17 -6.64 -5.17 -21.28
C LEU B 17 -6.66 -4.56 -19.87
N GLY B 18 -7.85 -4.48 -19.28
CA GLY B 18 -8.01 -4.02 -17.91
C GLY B 18 -7.55 -5.07 -16.93
N ILE B 19 -6.92 -4.63 -15.84
CA ILE B 19 -6.34 -5.54 -14.85
C ILE B 19 -6.72 -5.22 -13.40
N GLY B 20 -7.28 -4.03 -13.17
CA GLY B 20 -7.60 -3.61 -11.81
C GLY B 20 -8.68 -2.55 -11.68
N TYR B 21 -9.24 -2.47 -10.47
CA TYR B 21 -10.19 -1.41 -10.10
C TYR B 21 -10.02 -1.09 -8.62
N LYS B 22 -9.77 0.19 -8.33
CA LYS B 22 -9.56 0.69 -6.97
C LYS B 22 -8.61 -0.21 -6.17
N GLY B 23 -7.38 -0.31 -6.65
CA GLY B 23 -6.31 -1.04 -5.95
C GLY B 23 -6.38 -2.56 -5.95
N LYS B 24 -7.51 -3.12 -6.40
CA LYS B 24 -7.71 -4.57 -6.37
C LYS B 24 -8.18 -5.15 -7.71
N MET B 25 -8.15 -6.48 -7.80
CA MET B 25 -8.57 -7.21 -9.00
C MET B 25 -10.08 -7.36 -9.06
N PRO B 26 -10.67 -7.19 -10.27
CA PRO B 26 -12.12 -7.19 -10.46
C PRO B 26 -12.71 -8.59 -10.64
N TRP B 27 -11.93 -9.62 -10.33
CA TRP B 27 -12.33 -11.01 -10.51
C TRP B 27 -11.59 -11.92 -9.55
N ARG B 28 -12.11 -13.13 -9.38
CA ARG B 28 -11.38 -14.21 -8.72
C ARG B 28 -11.58 -15.49 -9.52
N LEU B 29 -10.54 -15.87 -10.25
CA LEU B 29 -10.61 -17.03 -11.12
C LEU B 29 -9.85 -18.19 -10.49
N ARG B 30 -10.60 -19.15 -9.96
CA ARG B 30 -10.06 -20.24 -9.15
C ARG B 30 -8.98 -21.06 -9.85
N LYS B 31 -9.22 -21.41 -11.12
CA LYS B 31 -8.27 -22.22 -11.89
C LYS B 31 -7.06 -21.41 -12.35
N GLU B 32 -7.25 -20.11 -12.57
CA GLU B 32 -6.17 -19.22 -12.99
C GLU B 32 -5.15 -19.03 -11.87
N ILE B 33 -5.65 -19.06 -10.64
CA ILE B 33 -4.82 -18.90 -9.44
C ILE B 33 -3.82 -20.05 -9.33
N ARG B 34 -4.30 -21.27 -9.55
CA ARG B 34 -3.47 -22.47 -9.51
C ARG B 34 -2.48 -22.52 -10.67
N TYR B 35 -2.96 -22.18 -11.87
CA TYR B 35 -2.10 -22.00 -13.03
C TYR B 35 -0.95 -21.07 -12.69
N PHE B 36 -1.28 -19.89 -12.16
CA PHE B 36 -0.29 -18.90 -11.77
C PHE B 36 0.76 -19.46 -10.82
N LYS B 37 0.33 -20.19 -9.79
CA LYS B 37 1.24 -20.83 -8.84
C LYS B 37 2.13 -21.88 -9.51
N ASP B 38 1.53 -22.73 -10.34
CA ASP B 38 2.24 -23.82 -11.02
C ASP B 38 3.33 -23.32 -11.97
N VAL B 39 2.96 -22.37 -12.84
CA VAL B 39 3.90 -21.84 -13.84
C VAL B 39 5.05 -21.07 -13.19
N THR B 40 4.74 -20.19 -12.23
CA THR B 40 5.76 -19.38 -11.56
C THR B 40 6.71 -20.17 -10.68
N THR B 41 6.25 -21.32 -10.17
CA THR B 41 7.08 -22.16 -9.30
C THR B 41 7.96 -23.14 -10.08
N ARG B 42 7.33 -23.90 -10.99
CA ARG B 42 7.95 -25.04 -11.67
C ARG B 42 9.29 -24.74 -12.34
N THR B 43 10.28 -25.60 -12.06
CA THR B 43 11.62 -25.51 -12.65
C THR B 43 11.93 -26.77 -13.45
N THR B 44 12.84 -26.67 -14.42
CA THR B 44 13.21 -27.82 -15.24
C THR B 44 14.62 -28.33 -14.90
N LYS B 45 15.55 -27.41 -14.73
CA LYS B 45 16.95 -27.73 -14.41
C LYS B 45 17.12 -28.04 -12.92
N PRO B 46 18.20 -28.77 -12.55
CA PRO B 46 18.49 -28.97 -11.14
C PRO B 46 19.21 -27.77 -10.52
N ASN B 47 19.21 -27.70 -9.18
CA ASN B 47 19.86 -26.63 -8.42
C ASN B 47 19.35 -25.21 -8.73
N THR B 48 18.12 -25.13 -9.21
CA THR B 48 17.54 -23.84 -9.60
C THR B 48 16.19 -23.60 -8.94
N ARG B 49 15.80 -22.33 -8.91
CA ARG B 49 14.45 -21.93 -8.54
C ARG B 49 14.07 -20.70 -9.33
N ASN B 50 12.76 -20.43 -9.40
CA ASN B 50 12.28 -19.27 -10.13
C ASN B 50 12.22 -18.02 -9.25
N ALA B 51 12.19 -16.87 -9.92
CA ALA B 51 12.05 -15.60 -9.24
C ALA B 51 10.77 -14.91 -9.70
N VAL B 52 10.09 -14.26 -8.76
CA VAL B 52 8.95 -13.40 -9.07
C VAL B 52 9.28 -11.95 -8.74
N ILE B 53 9.13 -11.08 -9.72
CA ILE B 53 9.39 -9.65 -9.55
C ILE B 53 8.08 -8.87 -9.50
N MET B 54 7.94 -8.01 -8.49
CA MET B 54 6.73 -7.24 -8.29
C MET B 54 7.04 -5.84 -7.79
N GLY B 55 6.06 -4.93 -7.96
CA GLY B 55 6.16 -3.59 -7.41
C GLY B 55 5.96 -3.59 -5.90
N ARG B 56 6.40 -2.52 -5.25
CA ARG B 56 6.22 -2.33 -3.81
C ARG B 56 4.74 -2.43 -3.40
N LYS B 57 3.86 -1.83 -4.19
CA LYS B 57 2.43 -1.81 -3.86
C LYS B 57 1.76 -3.20 -3.89
N THR B 58 2.07 -3.97 -4.92
CA THR B 58 1.55 -5.34 -5.04
C THR B 58 2.02 -6.21 -3.86
N TRP B 59 3.29 -6.06 -3.51
CA TRP B 59 3.87 -6.72 -2.33
C TRP B 59 3.08 -6.43 -1.05
N GLU B 60 2.76 -5.15 -0.85
CA GLU B 60 2.01 -4.70 0.33
C GLU B 60 0.55 -5.14 0.30
N SER B 61 0.02 -5.38 -0.90
CA SER B 61 -1.36 -5.86 -1.05
C SER B 61 -1.48 -7.36 -0.78
N ILE B 62 -0.35 -8.04 -0.63
CA ILE B 62 -0.32 -9.46 -0.24
C ILE B 62 -0.33 -9.59 1.28
N PRO B 63 -1.27 -10.40 1.82
CA PRO B 63 -1.35 -10.68 3.27
C PRO B 63 -0.09 -11.35 3.83
N GLN B 64 0.13 -11.17 5.12
CA GLN B 64 1.35 -11.62 5.81
C GLN B 64 1.58 -13.13 5.71
N LYS B 65 0.50 -13.91 5.82
CA LYS B 65 0.59 -15.36 5.80
C LYS B 65 0.86 -15.91 4.40
N PHE B 66 0.54 -15.12 3.38
CA PHE B 66 0.74 -15.52 1.99
C PHE B 66 2.05 -14.97 1.38
N ARG B 67 2.80 -14.20 2.17
CA ARG B 67 4.06 -13.61 1.68
C ARG B 67 5.25 -13.91 2.61
N PRO B 68 6.45 -14.14 2.03
CA PRO B 68 6.73 -14.18 0.59
C PRO B 68 6.08 -15.40 -0.06
N LEU B 69 5.85 -15.33 -1.37
CA LEU B 69 5.28 -16.45 -2.11
C LEU B 69 6.24 -17.64 -2.05
N PRO B 70 5.77 -18.79 -1.51
CA PRO B 70 6.63 -19.94 -1.22
C PRO B 70 7.27 -20.55 -2.47
N ASP B 71 8.48 -21.07 -2.30
CA ASP B 71 9.21 -21.85 -3.32
C ASP B 71 9.66 -21.00 -4.52
N ARG B 72 9.57 -19.69 -4.36
CA ARG B 72 10.04 -18.75 -5.38
C ARG B 72 10.80 -17.63 -4.69
N LEU B 73 11.79 -17.10 -5.39
CA LEU B 73 12.51 -15.92 -4.93
C LEU B 73 11.64 -14.68 -5.18
N ASN B 74 11.34 -13.94 -4.11
CA ASN B 74 10.50 -12.75 -4.22
C ASN B 74 11.36 -11.50 -4.34
N ILE B 75 11.27 -10.83 -5.49
CA ILE B 75 12.00 -9.60 -5.74
C ILE B 75 11.02 -8.43 -5.76
N ILE B 76 11.23 -7.47 -4.84
CA ILE B 76 10.35 -6.32 -4.74
C ILE B 76 11.05 -5.07 -5.26
N LEU B 77 10.40 -4.39 -6.20
CA LEU B 77 10.95 -3.18 -6.79
C LEU B 77 10.43 -1.92 -6.12
N SER B 78 11.35 -1.00 -5.87
CA SER B 78 11.05 0.33 -5.31
C SER B 78 12.20 1.26 -5.66
N ARG B 79 11.87 2.50 -5.98
CA ARG B 79 12.89 3.49 -6.34
C ARG B 79 13.64 4.02 -5.11
N SER B 80 13.22 3.58 -3.93
CA SER B 80 13.89 3.92 -2.67
C SER B 80 14.86 2.83 -2.22
N TYR B 81 14.72 1.62 -2.77
CA TYR B 81 15.53 0.49 -2.34
C TYR B 81 16.96 0.53 -2.88
N GLU B 82 17.90 0.12 -2.04
CA GLU B 82 19.23 -0.25 -2.48
C GLU B 82 19.13 -1.68 -2.99
N ASN B 83 20.11 -2.12 -3.78
CA ASN B 83 20.07 -3.47 -4.35
C ASN B 83 20.66 -4.51 -3.40
N GLU B 84 19.82 -5.02 -2.51
CA GLU B 84 20.25 -5.92 -1.44
C GLU B 84 19.36 -7.17 -1.31
N ILE B 85 20.01 -8.30 -1.03
CA ILE B 85 19.32 -9.50 -0.57
C ILE B 85 18.90 -9.27 0.89
N ILE B 86 17.64 -9.55 1.20
CA ILE B 86 17.11 -9.37 2.55
C ILE B 86 17.23 -10.65 3.38
N ASP B 87 16.70 -11.74 2.84
CA ASP B 87 16.85 -13.07 3.42
C ASP B 87 16.90 -14.13 2.32
N ASP B 88 16.67 -15.39 2.67
CA ASP B 88 16.65 -16.50 1.70
C ASP B 88 15.65 -16.27 0.55
N ASN B 89 14.52 -15.64 0.87
CA ASN B 89 13.38 -15.57 -0.06
C ASN B 89 13.10 -14.19 -0.63
N ILE B 90 13.63 -13.14 0.00
CA ILE B 90 13.29 -11.76 -0.36
C ILE B 90 14.50 -10.94 -0.82
N ILE B 91 14.35 -10.29 -1.97
CA ILE B 91 15.35 -9.34 -2.49
C ILE B 91 14.73 -7.98 -2.74
N HIS B 92 15.39 -6.92 -2.24
CA HIS B 92 15.00 -5.55 -2.52
C HIS B 92 15.92 -4.93 -3.58
N ALA B 93 15.32 -4.34 -4.62
CA ALA B 93 16.08 -3.76 -5.72
C ALA B 93 15.39 -2.53 -6.30
N SER B 94 16.17 -1.66 -6.92
CA SER B 94 15.65 -0.47 -7.58
C SER B 94 15.39 -0.71 -9.08
N SER B 95 15.98 -1.77 -9.63
CA SER B 95 15.76 -2.12 -11.03
C SER B 95 15.88 -3.62 -11.25
N ILE B 96 15.20 -4.11 -12.28
CA ILE B 96 15.24 -5.53 -12.65
C ILE B 96 16.67 -6.00 -12.97
N GLU B 97 17.38 -5.28 -13.83
CA GLU B 97 18.73 -5.66 -14.23
C GLU B 97 19.72 -5.70 -13.07
N SER B 98 19.55 -4.82 -12.08
CA SER B 98 20.33 -4.86 -10.85
C SER B 98 19.98 -6.08 -10.00
N SER B 99 18.67 -6.39 -9.90
CA SER B 99 18.19 -7.52 -9.11
C SER B 99 18.73 -8.86 -9.62
N LEU B 100 18.83 -8.99 -10.94
CA LEU B 100 19.33 -10.20 -11.58
C LEU B 100 20.84 -10.37 -11.43
N ASN B 101 21.52 -9.31 -10.97
CA ASN B 101 22.95 -9.36 -10.69
C ASN B 101 23.27 -9.78 -9.25
N LEU B 102 22.23 -10.03 -8.46
CA LEU B 102 22.40 -10.40 -7.05
C LEU B 102 22.38 -11.92 -6.82
N VAL B 103 21.73 -12.66 -7.71
CA VAL B 103 21.59 -14.11 -7.56
C VAL B 103 22.18 -14.91 -8.74
N SER B 104 22.42 -16.20 -8.50
CA SER B 104 23.04 -17.07 -9.49
C SER B 104 22.29 -18.39 -9.74
N ASP B 105 21.19 -18.62 -9.01
CA ASP B 105 20.46 -19.89 -9.12
C ASP B 105 19.04 -19.75 -9.72
N VAL B 106 18.79 -18.65 -10.41
CA VAL B 106 17.46 -18.39 -10.99
C VAL B 106 17.34 -18.96 -12.40
N GLU B 107 16.32 -19.79 -12.61
CA GLU B 107 16.01 -20.33 -13.93
C GLU B 107 15.11 -19.36 -14.69
N ARG B 108 13.88 -19.19 -14.20
CA ARG B 108 12.91 -18.31 -14.85
C ARG B 108 12.52 -17.12 -13.98
N VAL B 109 12.33 -15.98 -14.64
CA VAL B 109 11.92 -14.75 -13.97
C VAL B 109 10.51 -14.37 -14.40
N PHE B 110 9.61 -14.23 -13.43
CA PHE B 110 8.24 -13.83 -13.70
C PHE B 110 7.91 -12.47 -13.10
N ILE B 111 7.55 -11.53 -13.98
CA ILE B 111 7.06 -10.24 -13.54
C ILE B 111 5.55 -10.38 -13.30
N ILE B 112 5.13 -10.20 -12.05
CA ILE B 112 3.76 -10.52 -11.64
C ILE B 112 2.85 -9.32 -11.35
N GLY B 113 3.35 -8.10 -11.60
CA GLY B 113 2.57 -6.88 -11.37
C GLY B 113 3.31 -5.85 -10.53
N GLY B 114 2.69 -4.70 -10.28
CA GLY B 114 1.37 -4.36 -10.83
C GLY B 114 1.45 -3.56 -12.12
N ALA B 115 0.50 -2.65 -12.30
CA ALA B 115 0.33 -1.88 -13.53
C ALA B 115 1.55 -1.05 -13.94
N GLU B 116 2.08 -0.28 -12.99
CA GLU B 116 3.22 0.60 -13.26
C GLU B 116 4.44 -0.24 -13.64
N ILE B 117 4.64 -1.35 -12.92
CA ILE B 117 5.70 -2.30 -13.21
C ILE B 117 5.51 -2.94 -14.58
N TYR B 118 4.28 -3.33 -14.89
CA TYR B 118 3.94 -3.91 -16.20
C TYR B 118 4.27 -2.95 -17.34
N ASN B 119 3.78 -1.72 -17.22
CA ASN B 119 3.86 -0.73 -18.29
C ASN B 119 5.23 -0.09 -18.46
N GLU B 120 6.05 -0.17 -17.42
CA GLU B 120 7.46 0.19 -17.52
C GLU B 120 8.22 -0.90 -18.27
N LEU B 121 8.12 -2.12 -17.76
CA LEU B 121 8.99 -3.21 -18.18
C LEU B 121 8.58 -3.93 -19.47
N ILE B 122 7.39 -3.62 -19.98
CA ILE B 122 6.90 -4.20 -21.23
C ILE B 122 7.85 -3.89 -22.41
N ASN B 123 8.42 -2.69 -22.38
CA ASN B 123 9.31 -2.23 -23.45
C ASN B 123 10.78 -2.39 -23.14
N ASN B 124 11.07 -3.19 -22.11
CA ASN B 124 12.44 -3.54 -21.75
C ASN B 124 12.85 -4.81 -22.47
N SER B 125 14.04 -4.78 -23.08
CA SER B 125 14.54 -5.89 -23.90
C SER B 125 14.77 -7.20 -23.16
N LEU B 126 15.00 -7.14 -21.85
CA LEU B 126 15.19 -8.34 -21.04
C LEU B 126 13.94 -9.24 -21.05
N VAL B 127 12.76 -8.61 -21.13
CA VAL B 127 11.50 -9.33 -21.26
C VAL B 127 11.40 -9.92 -22.66
N SER B 128 11.36 -11.24 -22.74
CA SER B 128 11.32 -11.96 -24.01
C SER B 128 9.99 -12.68 -24.24
N HIS B 129 9.28 -12.98 -23.15
CA HIS B 129 7.98 -13.65 -23.24
C HIS B 129 6.89 -12.90 -22.49
N LEU B 130 5.64 -13.08 -22.95
CA LEU B 130 4.48 -12.61 -22.21
C LEU B 130 3.51 -13.76 -22.04
N LEU B 131 3.21 -14.10 -20.79
CA LEU B 131 2.18 -15.07 -20.47
C LEU B 131 0.92 -14.30 -20.09
N ILE B 132 0.01 -14.17 -21.05
CA ILE B 132 -1.21 -13.40 -20.83
C ILE B 132 -2.42 -14.32 -20.78
N THR B 133 -3.11 -14.29 -19.65
CA THR B 133 -4.40 -14.92 -19.53
C THR B 133 -5.44 -13.94 -20.06
N GLU B 134 -5.95 -14.24 -21.24
CA GLU B 134 -6.94 -13.38 -21.89
C GLU B 134 -8.33 -13.69 -21.36
N ILE B 135 -8.92 -12.73 -20.67
CA ILE B 135 -10.24 -12.88 -20.06
C ILE B 135 -11.32 -12.25 -20.93
N GLU B 136 -12.42 -12.97 -21.12
CA GLU B 136 -13.56 -12.47 -21.89
C GLU B 136 -14.84 -12.47 -21.08
N HIS B 137 -15.70 -11.51 -21.39
CA HIS B 137 -16.99 -11.32 -20.72
C HIS B 137 -18.00 -10.91 -21.80
N PRO B 138 -19.26 -11.38 -21.68
CA PRO B 138 -20.29 -10.99 -22.66
C PRO B 138 -20.54 -9.48 -22.69
N SER B 139 -20.39 -8.84 -21.54
CA SER B 139 -20.52 -7.38 -21.44
C SER B 139 -19.32 -6.84 -20.66
N PRO B 140 -18.17 -6.63 -21.34
CA PRO B 140 -16.94 -6.21 -20.66
C PRO B 140 -17.01 -4.79 -20.11
N GLU B 141 -17.74 -3.91 -20.79
CA GLU B 141 -17.88 -2.50 -20.39
C GLU B 141 -18.61 -2.31 -19.05
N SER B 142 -19.40 -3.29 -18.65
CA SER B 142 -20.14 -3.23 -17.38
C SER B 142 -19.23 -3.40 -16.17
N ILE B 143 -18.21 -4.25 -16.31
CA ILE B 143 -17.19 -4.44 -15.28
C ILE B 143 -16.44 -3.12 -15.05
N GLU B 144 -16.40 -2.67 -13.80
CA GLU B 144 -15.72 -1.43 -13.45
C GLU B 144 -14.20 -1.60 -13.49
N MET B 145 -13.53 -0.67 -14.16
CA MET B 145 -12.09 -0.76 -14.40
C MET B 145 -11.47 0.64 -14.44
N ASP B 146 -10.34 0.79 -13.74
CA ASP B 146 -9.57 2.04 -13.77
C ASP B 146 -8.08 1.82 -14.06
N THR B 147 -7.69 0.54 -14.18
CA THR B 147 -6.31 0.16 -14.42
C THR B 147 -6.22 -0.71 -15.66
N PHE B 148 -5.30 -0.35 -16.57
CA PHE B 148 -5.19 -1.02 -17.86
C PHE B 148 -3.73 -1.26 -18.24
N LEU B 149 -3.50 -2.31 -19.04
CA LEU B 149 -2.19 -2.54 -19.64
C LEU B 149 -1.98 -1.62 -20.84
N LYS B 150 -0.75 -1.11 -20.97
CA LYS B 150 -0.37 -0.31 -22.12
C LYS B 150 0.68 -1.10 -22.88
N PHE B 151 0.22 -2.11 -23.61
CA PHE B 151 1.08 -3.08 -24.27
C PHE B 151 0.97 -2.93 -25.79
N PRO B 152 2.13 -2.76 -26.48
CA PRO B 152 2.11 -2.75 -27.94
C PRO B 152 2.20 -4.18 -28.46
N LEU B 153 1.08 -4.90 -28.41
CA LEU B 153 1.04 -6.31 -28.78
C LEU B 153 1.23 -6.54 -30.28
N GLU B 154 0.98 -5.51 -31.09
CA GLU B 154 1.24 -5.55 -32.52
C GLU B 154 2.73 -5.81 -32.83
N SER B 155 3.59 -5.51 -31.85
CA SER B 155 5.02 -5.81 -31.94
C SER B 155 5.37 -7.20 -31.40
N TRP B 156 4.36 -7.94 -30.96
CA TRP B 156 4.57 -9.30 -30.44
C TRP B 156 3.81 -10.32 -31.28
N THR B 157 4.22 -11.58 -31.18
CA THR B 157 3.57 -12.68 -31.88
C THR B 157 2.93 -13.63 -30.88
N LYS B 158 1.63 -13.86 -31.04
CA LYS B 158 0.93 -14.88 -30.27
C LYS B 158 1.39 -16.25 -30.76
N GLN B 159 2.09 -16.96 -29.89
CA GLN B 159 2.61 -18.30 -30.21
C GLN B 159 1.49 -19.33 -30.25
N PRO B 160 1.69 -20.44 -30.97
CA PRO B 160 0.70 -21.52 -30.92
C PRO B 160 0.69 -22.18 -29.56
N LYS B 161 -0.41 -22.84 -29.22
CA LYS B 161 -0.55 -23.49 -27.92
C LYS B 161 0.56 -24.51 -27.62
N SER B 162 1.08 -25.15 -28.68
CA SER B 162 2.17 -26.14 -28.54
C SER B 162 3.46 -25.52 -27.99
N GLU B 163 3.66 -24.23 -28.23
CA GLU B 163 4.83 -23.52 -27.69
C GLU B 163 4.64 -23.23 -26.19
N LEU B 164 3.40 -22.95 -25.81
CA LEU B 164 3.03 -22.77 -24.40
C LEU B 164 3.10 -24.09 -23.64
N GLN B 165 2.60 -25.16 -24.25
CA GLN B 165 2.63 -26.50 -23.66
C GLN B 165 4.06 -26.97 -23.41
N LYS B 166 4.97 -26.61 -24.32
CA LYS B 166 6.40 -26.85 -24.12
C LYS B 166 6.91 -26.07 -22.91
N PHE B 167 6.51 -24.80 -22.83
CA PHE B 167 6.99 -23.90 -21.78
C PHE B 167 6.54 -24.29 -20.37
N VAL B 168 5.29 -24.72 -20.22
CA VAL B 168 4.74 -25.07 -18.91
C VAL B 168 4.90 -26.56 -18.57
N GLY B 169 5.53 -27.31 -19.48
CA GLY B 169 5.79 -28.74 -19.27
C GLY B 169 4.53 -29.58 -19.32
N ASP B 170 4.26 -30.29 -18.23
CA ASP B 170 3.12 -31.20 -18.16
C ASP B 170 1.87 -30.57 -17.54
N THR B 171 1.92 -29.26 -17.30
CA THR B 171 0.79 -28.52 -16.77
C THR B 171 -0.40 -28.62 -17.72
N VAL B 172 -1.57 -28.89 -17.15
CA VAL B 172 -2.80 -29.05 -17.92
C VAL B 172 -3.33 -27.68 -18.39
N LEU B 173 -3.40 -27.52 -19.70
CA LEU B 173 -3.89 -26.27 -20.31
C LEU B 173 -5.26 -26.47 -20.95
N GLU B 174 -6.30 -26.17 -20.20
CA GLU B 174 -7.68 -26.27 -20.68
C GLU B 174 -8.05 -25.08 -21.53
N ASP B 175 -8.92 -25.32 -22.51
CA ASP B 175 -9.43 -24.26 -23.38
C ASP B 175 -10.75 -23.71 -22.85
N ASP B 176 -10.93 -22.41 -23.04
CA ASP B 176 -12.18 -21.70 -22.68
C ASP B 176 -12.67 -22.07 -21.28
N ILE B 177 -11.91 -21.68 -20.27
CA ILE B 177 -12.24 -21.95 -18.88
C ILE B 177 -13.31 -20.95 -18.41
N LYS B 178 -14.46 -21.48 -18.01
CA LYS B 178 -15.60 -20.66 -17.63
C LYS B 178 -15.76 -20.57 -16.11
N GLU B 179 -15.70 -19.35 -15.58
CA GLU B 179 -15.90 -19.11 -14.16
C GLU B 179 -16.83 -17.92 -13.93
N GLY B 180 -18.11 -18.24 -13.76
CA GLY B 180 -19.16 -17.22 -13.73
C GLY B 180 -19.48 -16.82 -15.16
N ASP B 181 -19.49 -15.52 -15.41
CA ASP B 181 -19.68 -14.99 -16.76
C ASP B 181 -18.36 -14.93 -17.55
N PHE B 182 -17.24 -15.05 -16.85
CA PHE B 182 -15.91 -14.95 -17.48
C PHE B 182 -15.52 -16.20 -18.25
N THR B 183 -14.76 -15.99 -19.33
CA THR B 183 -14.15 -17.08 -20.09
C THR B 183 -12.71 -16.71 -20.39
N TYR B 184 -11.77 -17.59 -20.05
CA TYR B 184 -10.36 -17.28 -20.26
C TYR B 184 -9.51 -18.39 -20.85
N ASN B 185 -8.42 -17.98 -21.48
CA ASN B 185 -7.47 -18.87 -22.11
C ASN B 185 -6.04 -18.40 -21.85
N TYR B 186 -5.12 -19.34 -21.75
CA TYR B 186 -3.71 -19.03 -21.51
C TYR B 186 -2.99 -18.83 -22.83
N THR B 187 -2.18 -17.78 -22.92
CA THR B 187 -1.42 -17.46 -24.13
C THR B 187 0.06 -17.21 -23.85
N LEU B 188 0.87 -17.32 -24.90
CA LEU B 188 2.29 -17.05 -24.85
C LEU B 188 2.67 -16.13 -26.02
N TRP B 189 3.37 -15.05 -25.71
CA TRP B 189 3.78 -14.08 -26.73
C TRP B 189 5.29 -13.96 -26.74
N THR B 190 5.86 -13.81 -27.94
CA THR B 190 7.29 -13.54 -28.10
C THR B 190 7.45 -12.30 -28.98
N ARG B 191 8.62 -11.66 -28.88
CA ARG B 191 8.91 -10.43 -29.63
C ARG B 191 9.06 -10.68 -31.12
N LYS B 192 8.41 -9.84 -31.93
CA LYS B 192 8.61 -9.86 -33.38
C LYS B 192 10.04 -9.44 -33.72
#